data_4A9X
#
_entry.id   4A9X
#
_cell.length_a   70.400
_cell.length_b   78.900
_cell.length_c   111.630
_cell.angle_alpha   90.00
_cell.angle_beta   90.00
_cell.angle_gamma   90.00
#
_symmetry.space_group_name_H-M   'P 21 21 21'
#
loop_
_entity.id
_entity.type
_entity.pdbx_description
1 polymer PHOX
2 non-polymer 1,2-ETHANEDIOL
3 non-polymer 'PHOSPHOMETHYLPHOSPHONIC ACID ADENYLATE ESTER'
4 non-polymer 'CALCIUM ION'
5 non-polymer MU-OXO-DIIRON
6 water water
#
_entity_poly.entity_id   1
_entity_poly.type   'polypeptide(L)'
_entity_poly.pdbx_seq_one_letter_code
;ASVSAGNSRLLGFDSIPAATTDTISLPKGYKSSVLISWGQPLHKNGPAFDPSGNGTAAAQEVQFGDNNDGMSLFEFPGEK
NRALMAINNEYTNYRYLYPHGGMPQSAEDVRKALACEGVSVIEVQRKNGQWQFVQGSRYNRRIHGNSPLRISGPAAGHEL
MKTSADKHGKKVLGTFQNCANGKTPWGTYLTCEENFTDCFGSSNAQQQFDPAQKRYGVSAASREINWHPFDPRFDMAKNP
NELNRHGWVVEIDPFDPQSTPVKRTALGRFKHENAALAETDDGRAVVYMGDDERGEFIYKFVSRDKINHRNAKANRDILD
HGTLYVARFDAGDGNPDHPKGQGQWIELTHGKNGIDASSGFADQAEVLIHARLAASVVGATRMDRPEWIVVSPKDGQVYC
TLTNNAKRGEDGQPVGGPNPREKNVYGQILRWRTDRDDHASKTFAWDLFVVAGNPSVHAGTPKGGSSNITPQNMFNSPDG
LGFDKAGRLWILTDGDSSNAGDFAGMGNNQMLCADPATGEIRRFMVGPIGCEVTGISFSPDQKTLFVGIQHPGENGGSTF
PEHLPNGKPRSSVMAITREDGGIVGAHHHHHH
;
_entity_poly.pdbx_strand_id   A
#
loop_
_chem_comp.id
_chem_comp.type
_chem_comp.name
_chem_comp.formula
ACP non-polymer 'PHOSPHOMETHYLPHOSPHONIC ACID ADENYLATE ESTER' 'C11 H18 N5 O12 P3'
CA non-polymer 'CALCIUM ION' 'Ca 2'
EDO non-polymer 1,2-ETHANEDIOL 'C2 H6 O2'
FEO non-polymer MU-OXO-DIIRON 'Fe2 O'
#
# COMPACT_ATOMS: atom_id res chain seq x y z
N SER A 8 5.60 -2.23 -29.67
CA SER A 8 4.96 -1.20 -28.84
C SER A 8 5.78 0.08 -28.79
N ARG A 9 5.08 1.20 -28.74
CA ARG A 9 5.67 2.54 -28.63
C ARG A 9 6.23 2.72 -27.20
N LEU A 10 5.42 2.42 -26.18
CA LEU A 10 5.79 2.58 -24.80
C LEU A 10 6.80 1.60 -24.24
N LEU A 11 6.82 0.35 -24.68
CA LEU A 11 7.67 -0.66 -24.08
C LEU A 11 8.95 -0.78 -24.86
N GLY A 12 10.03 -0.23 -24.30
CA GLY A 12 11.34 -0.17 -24.95
C GLY A 12 12.33 -1.28 -24.68
N PHE A 13 11.99 -2.22 -23.81
CA PHE A 13 12.89 -3.34 -23.48
C PHE A 13 12.21 -4.68 -23.84
N ASP A 14 13.01 -5.76 -23.88
CA ASP A 14 12.53 -7.11 -24.21
C ASP A 14 12.19 -7.83 -22.92
N SER A 15 10.99 -8.43 -22.85
CA SER A 15 10.52 -9.19 -21.68
C SER A 15 11.58 -10.23 -21.28
N ILE A 16 11.90 -10.28 -19.99
CA ILE A 16 12.94 -11.18 -19.48
C ILE A 16 12.32 -12.44 -18.96
N PRO A 17 13.07 -13.53 -18.77
CA PRO A 17 12.47 -14.71 -18.16
C PRO A 17 12.26 -14.63 -16.64
N ALA A 18 11.43 -15.56 -16.16
CA ALA A 18 11.15 -15.74 -14.76
C ALA A 18 12.40 -16.34 -14.16
N ALA A 19 12.64 -16.04 -12.91
CA ALA A 19 13.84 -16.52 -12.23
C ALA A 19 13.49 -16.91 -10.82
N THR A 20 14.34 -17.75 -10.24
CA THR A 20 14.23 -18.30 -8.90
C THR A 20 15.45 -17.92 -8.05
N THR A 21 16.38 -17.10 -8.59
CA THR A 21 17.64 -16.78 -7.92
C THR A 21 17.46 -15.77 -6.84
N ASP A 22 18.40 -15.74 -5.87
CA ASP A 22 18.37 -14.80 -4.76
C ASP A 22 19.06 -13.46 -5.12
N THR A 23 18.65 -12.84 -6.26
CA THR A 23 19.24 -11.61 -6.79
CA THR A 23 19.20 -11.55 -6.68
C THR A 23 18.17 -10.80 -7.52
N ILE A 24 18.57 -9.64 -8.10
CA ILE A 24 17.70 -8.81 -8.92
C ILE A 24 18.05 -9.13 -10.36
N SER A 25 17.06 -9.54 -11.20
CA SER A 25 17.29 -9.82 -12.62
C SER A 25 16.52 -8.77 -13.40
N LEU A 26 17.22 -8.11 -14.33
CA LEU A 26 16.74 -7.01 -15.13
C LEU A 26 17.05 -7.29 -16.60
N PRO A 27 16.56 -6.45 -17.53
CA PRO A 27 16.90 -6.64 -18.94
C PRO A 27 18.34 -6.17 -19.25
N LYS A 28 18.77 -6.38 -20.49
CA LYS A 28 20.09 -5.97 -20.96
C LYS A 28 20.22 -4.45 -20.91
N GLY A 29 21.35 -3.99 -20.39
CA GLY A 29 21.64 -2.57 -20.26
C GLY A 29 21.13 -1.92 -18.99
N TYR A 30 20.59 -2.71 -18.05
CA TYR A 30 20.06 -2.14 -16.80
C TYR A 30 20.90 -2.56 -15.61
N LYS A 31 20.95 -1.72 -14.59
CA LYS A 31 21.70 -2.01 -13.36
C LYS A 31 20.87 -1.62 -12.12
N SER A 32 21.19 -2.26 -10.99
CA SER A 32 20.53 -2.00 -9.68
C SER A 32 21.55 -1.71 -8.62
N SER A 33 21.18 -0.86 -7.66
CA SER A 33 22.04 -0.53 -6.53
C SER A 33 21.14 -0.41 -5.28
N VAL A 34 21.66 -0.74 -4.09
CA VAL A 34 20.90 -0.59 -2.85
C VAL A 34 20.95 0.89 -2.47
N LEU A 35 19.79 1.49 -2.22
CA LEU A 35 19.68 2.89 -1.77
C LEU A 35 19.83 2.91 -0.24
N ILE A 36 18.97 2.13 0.43
CA ILE A 36 18.95 1.98 1.89
C ILE A 36 18.31 0.64 2.22
N SER A 37 18.64 0.09 3.40
CA SER A 37 18.09 -1.17 3.93
C SER A 37 17.63 -1.00 5.34
N TRP A 38 16.77 -1.94 5.81
CA TRP A 38 16.30 -1.98 7.19
C TRP A 38 17.52 -1.88 8.12
N GLY A 39 17.44 -1.01 9.12
CA GLY A 39 18.49 -0.88 10.12
C GLY A 39 19.50 0.22 9.89
N GLN A 40 19.40 0.92 8.75
CA GLN A 40 20.36 1.99 8.45
C GLN A 40 20.16 3.18 9.41
N PRO A 41 21.17 3.57 10.25
CA PRO A 41 20.96 4.75 11.13
C PRO A 41 20.74 5.99 10.26
N LEU A 42 19.78 6.83 10.64
CA LEU A 42 19.43 8.01 9.86
C LEU A 42 20.21 9.26 10.23
N HIS A 43 20.67 9.32 11.47
CA HIS A 43 21.28 10.52 12.00
C HIS A 43 22.76 10.38 12.18
N LYS A 44 23.40 11.53 12.27
CA LYS A 44 24.86 11.65 12.40
C LYS A 44 25.33 10.86 13.61
N ASN A 45 26.32 9.97 13.41
CA ASN A 45 26.87 9.10 14.46
C ASN A 45 25.76 8.22 15.06
N GLY A 46 24.80 7.78 14.21
CA GLY A 46 23.69 6.95 14.67
C GLY A 46 24.11 5.51 14.89
N PRO A 47 23.35 4.71 15.66
CA PRO A 47 23.80 3.33 15.92
C PRO A 47 23.78 2.46 14.67
N ALA A 48 24.89 1.76 14.41
CA ALA A 48 25.00 0.89 13.25
C ALA A 48 24.08 -0.31 13.38
N PHE A 49 23.62 -0.84 12.24
CA PHE A 49 22.75 -2.04 12.21
C PHE A 49 23.50 -3.18 12.87
N ASP A 50 22.81 -3.93 13.78
CA ASP A 50 23.36 -5.08 14.49
C ASP A 50 22.84 -6.39 13.87
N PRO A 51 23.68 -7.10 13.08
CA PRO A 51 23.24 -8.35 12.46
C PRO A 51 22.80 -9.48 13.40
N SER A 52 23.20 -9.43 14.66
CA SER A 52 22.90 -10.45 15.68
C SER A 52 21.49 -10.44 16.24
N GLY A 53 20.75 -9.35 16.01
CA GLY A 53 19.40 -9.21 16.55
C GLY A 53 19.37 -8.50 17.89
N ASN A 54 20.54 -8.21 18.49
CA ASN A 54 20.65 -7.54 19.78
C ASN A 54 20.54 -6.01 19.77
N GLY A 55 20.23 -5.42 18.61
CA GLY A 55 19.94 -4.00 18.53
C GLY A 55 18.80 -3.64 19.45
N THR A 56 18.84 -2.44 19.99
CA THR A 56 17.84 -2.00 20.97
C THR A 56 16.60 -1.38 20.34
N ALA A 57 15.56 -1.11 21.15
CA ALA A 57 14.34 -0.46 20.66
C ALA A 57 14.65 1.01 20.35
N ALA A 58 15.37 1.71 21.24
CA ALA A 58 15.74 3.10 21.03
C ALA A 58 16.60 3.28 19.77
N ALA A 59 17.52 2.35 19.51
CA ALA A 59 18.29 2.41 18.29
C ALA A 59 17.38 2.23 17.05
N GLN A 60 16.39 1.35 17.12
CA GLN A 60 15.48 1.13 15.98
C GLN A 60 14.60 2.35 15.70
N GLU A 61 14.30 3.19 16.72
CA GLU A 61 13.52 4.41 16.54
C GLU A 61 14.33 5.47 15.78
N VAL A 62 15.66 5.29 15.59
CA VAL A 62 16.51 6.24 14.85
C VAL A 62 17.15 5.55 13.64
N GLN A 63 16.62 4.37 13.24
CA GLN A 63 17.15 3.60 12.11
C GLN A 63 16.00 3.32 11.15
N PHE A 64 16.35 3.14 9.84
CA PHE A 64 15.39 2.85 8.77
C PHE A 64 14.55 1.62 9.21
N GLY A 65 13.24 1.74 9.13
CA GLY A 65 12.33 0.68 9.56
C GLY A 65 12.40 -0.59 8.73
N ASP A 66 11.63 -1.60 9.13
CA ASP A 66 11.63 -2.90 8.46
C ASP A 66 10.55 -2.97 7.37
N ASN A 67 10.59 -4.01 6.57
CA ASN A 67 9.66 -4.27 5.46
C ASN A 67 9.14 -3.03 4.78
N ASN A 68 10.06 -2.26 4.18
CA ASN A 68 9.71 -1.07 3.41
C ASN A 68 8.66 -1.37 2.32
N ASP A 69 7.67 -0.50 2.18
CA ASP A 69 6.54 -0.75 1.31
C ASP A 69 6.25 0.48 0.43
N GLY A 70 5.09 1.09 0.54
CA GLY A 70 4.78 2.23 -0.33
C GLY A 70 5.69 3.41 -0.12
N MET A 71 5.91 4.18 -1.19
CA MET A 71 6.81 5.31 -1.07
C MET A 71 6.59 6.37 -2.12
N SER A 72 6.98 7.59 -1.78
CA SER A 72 6.91 8.75 -2.67
C SER A 72 8.20 9.51 -2.65
N LEU A 73 8.56 10.06 -3.80
CA LEU A 73 9.72 10.94 -3.95
C LEU A 73 9.18 12.39 -4.13
N PHE A 74 9.79 13.35 -3.39
CA PHE A 74 9.44 14.77 -3.41
C PHE A 74 10.59 15.67 -3.91
N GLU A 75 10.39 16.32 -5.09
CA GLU A 75 11.28 17.32 -5.70
C GLU A 75 11.62 18.39 -4.67
N PHE A 76 12.90 18.67 -4.49
CA PHE A 76 13.33 19.69 -3.53
C PHE A 76 13.22 21.06 -4.22
N PRO A 77 12.30 21.96 -3.79
CA PRO A 77 12.18 23.26 -4.50
C PRO A 77 13.50 24.00 -4.65
N GLY A 78 13.79 24.38 -5.89
CA GLY A 78 14.98 25.15 -6.19
C GLY A 78 16.29 24.39 -6.29
N GLU A 79 16.28 23.03 -6.14
CA GLU A 79 17.48 22.20 -6.17
C GLU A 79 17.24 20.90 -6.86
N LYS A 80 17.56 20.85 -8.15
CA LYS A 80 17.36 19.67 -8.98
C LYS A 80 18.21 18.42 -8.60
N ASN A 81 19.25 18.54 -7.75
CA ASN A 81 20.09 17.39 -7.34
C ASN A 81 19.86 16.98 -5.87
N ARG A 82 18.64 17.21 -5.38
CA ARG A 82 18.23 16.88 -4.02
C ARG A 82 16.75 16.48 -4.07
N ALA A 83 16.32 15.64 -3.11
CA ALA A 83 14.94 15.20 -3.01
C ALA A 83 14.68 14.50 -1.66
N LEU A 84 13.44 14.49 -1.26
CA LEU A 84 13.06 13.73 -0.08
C LEU A 84 12.25 12.54 -0.52
N MET A 85 12.39 11.43 0.23
CA MET A 85 11.62 10.23 0.00
C MET A 85 10.98 9.88 1.30
N ALA A 86 9.68 9.67 1.28
CA ALA A 86 8.95 9.23 2.46
C ALA A 86 8.58 7.77 2.18
N ILE A 87 9.08 6.86 3.04
CA ILE A 87 8.95 5.42 2.84
C ILE A 87 8.25 4.74 4.01
N ASN A 88 7.26 3.93 3.71
CA ASN A 88 6.52 3.22 4.73
C ASN A 88 7.26 1.97 5.20
N ASN A 89 7.09 1.65 6.47
CA ASN A 89 7.60 0.43 7.09
C ASN A 89 6.37 -0.33 7.63
N GLU A 90 5.95 -1.41 6.92
CA GLU A 90 4.71 -2.11 7.22
C GLU A 90 4.72 -2.98 8.43
N TYR A 91 5.63 -3.93 8.47
CA TYR A 91 5.65 -4.89 9.57
C TYR A 91 7.06 -5.38 9.81
N THR A 92 7.23 -6.32 10.75
CA THR A 92 8.56 -6.84 11.05
C THR A 92 8.60 -8.34 11.02
N ASN A 93 9.80 -8.86 10.79
CA ASN A 93 10.07 -10.26 10.64
C ASN A 93 10.76 -10.73 11.94
N TYR A 94 9.96 -11.24 12.87
CA TYR A 94 10.45 -11.74 14.17
C TYR A 94 11.67 -12.68 14.08
N ARG A 95 11.78 -13.55 13.02
CA ARG A 95 12.90 -14.49 12.91
C ARG A 95 14.23 -13.76 12.85
N TYR A 96 14.24 -12.58 12.24
CA TYR A 96 15.43 -11.74 12.11
C TYR A 96 15.53 -10.57 13.07
N LEU A 97 14.43 -10.15 13.67
CA LEU A 97 14.44 -8.98 14.52
C LEU A 97 15.03 -9.22 15.89
N TYR A 98 14.69 -10.36 16.49
CA TYR A 98 15.13 -10.73 17.83
C TYR A 98 16.18 -11.81 17.72
N PRO A 99 17.09 -11.95 18.68
CA PRO A 99 18.07 -13.06 18.60
C PRO A 99 17.40 -14.43 18.74
N HIS A 100 16.35 -14.47 19.58
CA HIS A 100 15.53 -15.65 19.84
C HIS A 100 14.68 -16.05 18.63
N GLY A 101 14.46 -15.11 17.71
CA GLY A 101 13.76 -15.32 16.46
C GLY A 101 12.32 -15.80 16.55
N GLY A 102 11.66 -15.40 17.62
CA GLY A 102 10.30 -15.81 17.93
C GLY A 102 9.39 -14.69 18.36
N MET A 103 8.37 -15.03 19.14
CA MET A 103 7.38 -14.05 19.58
C MET A 103 7.98 -13.07 20.55
N PRO A 104 7.43 -11.84 20.65
CA PRO A 104 7.94 -10.92 21.65
C PRO A 104 7.87 -11.58 23.03
N GLN A 105 8.91 -11.40 23.85
CA GLN A 105 9.04 -11.97 25.19
C GLN A 105 9.07 -10.90 26.28
N SER A 106 8.92 -9.61 25.93
CA SER A 106 8.98 -8.53 26.90
C SER A 106 8.39 -7.26 26.33
N ALA A 107 8.28 -6.22 27.18
CA ALA A 107 7.84 -4.90 26.76
C ALA A 107 8.91 -4.25 25.86
N GLU A 108 10.20 -4.52 26.15
CA GLU A 108 11.27 -3.98 25.31
C GLU A 108 11.19 -4.59 23.92
N ASP A 109 10.84 -5.87 23.79
CA ASP A 109 10.67 -6.52 22.47
C ASP A 109 9.47 -5.88 21.74
N VAL A 110 8.38 -5.60 22.46
CA VAL A 110 7.21 -4.96 21.85
C VAL A 110 7.57 -3.57 21.30
N ARG A 111 8.32 -2.76 22.08
CA ARG A 111 8.75 -1.42 21.68
CA ARG A 111 8.77 -1.43 21.68
C ARG A 111 9.64 -1.50 20.45
N LYS A 112 10.45 -2.55 20.35
CA LYS A 112 11.36 -2.74 19.23
C LYS A 112 10.58 -2.98 17.92
N ALA A 113 9.50 -3.76 17.99
CA ALA A 113 8.63 -4.05 16.83
C ALA A 113 7.84 -2.82 16.37
N LEU A 114 7.21 -2.07 17.30
CA LEU A 114 6.54 -0.79 16.98
C LEU A 114 7.54 0.20 16.37
N ALA A 115 8.82 0.17 16.80
CA ALA A 115 9.89 1.02 16.24
C ALA A 115 10.21 0.66 14.78
N CYS A 116 10.02 -0.62 14.41
CA CYS A 116 10.21 -1.09 13.04
C CYS A 116 9.16 -0.54 12.07
N GLU A 117 7.95 -0.24 12.53
CA GLU A 117 6.84 0.17 11.65
C GLU A 117 6.67 1.69 11.59
N GLY A 118 5.91 2.17 10.59
CA GLY A 118 5.67 3.58 10.42
C GLY A 118 6.16 4.11 9.12
N VAL A 119 6.86 5.24 9.17
CA VAL A 119 7.46 5.92 8.03
C VAL A 119 8.90 6.32 8.34
N SER A 120 9.75 6.24 7.29
CA SER A 120 11.13 6.73 7.29
C SER A 120 11.17 7.85 6.25
N VAL A 121 11.44 9.09 6.68
CA VAL A 121 11.62 10.20 5.77
C VAL A 121 13.14 10.32 5.59
N ILE A 122 13.62 10.35 4.35
CA ILE A 122 15.05 10.46 4.11
C ILE A 122 15.34 11.47 3.02
N GLU A 123 16.56 12.02 3.01
CA GLU A 123 17.01 12.93 1.97
C GLU A 123 17.92 12.12 1.06
N VAL A 124 17.75 12.32 -0.24
CA VAL A 124 18.59 11.71 -1.25
C VAL A 124 19.24 12.84 -2.10
N GLN A 125 20.49 12.60 -2.55
CA GLN A 125 21.22 13.55 -3.37
C GLN A 125 21.82 12.91 -4.58
N ARG A 126 21.92 13.68 -5.66
CA ARG A 126 22.45 13.22 -6.91
C ARG A 126 23.92 13.62 -6.97
N LYS A 127 24.80 12.60 -7.00
CA LYS A 127 26.24 12.79 -7.07
C LYS A 127 26.76 11.93 -8.23
N ASN A 128 27.31 12.59 -9.26
CA ASN A 128 27.86 11.96 -10.47
C ASN A 128 26.78 11.14 -11.24
N GLY A 129 25.53 11.61 -11.18
CA GLY A 129 24.40 10.98 -11.84
C GLY A 129 23.58 10.00 -11.01
N GLN A 130 24.12 9.52 -9.87
CA GLN A 130 23.46 8.51 -9.03
C GLN A 130 22.89 9.12 -7.76
N TRP A 131 21.65 8.74 -7.42
CA TRP A 131 21.00 9.18 -6.21
C TRP A 131 21.49 8.35 -5.07
N GLN A 132 21.80 8.99 -3.94
CA GLN A 132 22.36 8.33 -2.77
C GLN A 132 21.74 8.89 -1.51
N PHE A 133 21.61 8.05 -0.51
CA PHE A 133 21.03 8.40 0.79
C PHE A 133 21.95 9.38 1.49
N VAL A 134 21.35 10.40 2.11
CA VAL A 134 22.09 11.43 2.81
C VAL A 134 21.90 11.24 4.30
N GLN A 135 22.83 10.52 4.94
CA GLN A 135 22.76 10.34 6.40
C GLN A 135 23.13 11.70 7.03
N GLY A 136 22.47 12.03 8.14
CA GLY A 136 22.70 13.29 8.84
C GLY A 136 21.90 14.48 8.37
N SER A 137 21.08 14.33 7.30
CA SER A 137 20.23 15.41 6.82
C SER A 137 19.24 15.88 7.88
N ARG A 138 18.96 17.16 7.91
CA ARG A 138 17.96 17.68 8.85
C ARG A 138 16.54 17.13 8.58
N TYR A 139 16.27 16.69 7.36
CA TYR A 139 14.96 16.14 6.97
C TYR A 139 14.78 14.69 7.37
N ASN A 140 15.88 13.96 7.69
CA ASN A 140 15.79 12.56 8.07
C ASN A 140 14.96 12.40 9.35
N ARG A 141 14.01 11.49 9.33
CA ARG A 141 13.11 11.31 10.45
C ARG A 141 12.46 9.95 10.47
N ARG A 142 12.22 9.42 11.70
CA ARG A 142 11.45 8.20 11.89
C ARG A 142 10.15 8.56 12.58
N ILE A 143 9.03 8.18 11.98
CA ILE A 143 7.69 8.26 12.54
C ILE A 143 7.41 6.80 12.79
N HIS A 144 7.16 6.40 14.05
CA HIS A 144 6.95 4.98 14.38
C HIS A 144 5.66 4.65 15.16
N GLY A 145 5.49 3.38 15.51
CA GLY A 145 4.32 2.88 16.22
C GLY A 145 4.02 3.52 17.57
N ASN A 146 4.98 4.26 18.16
CA ASN A 146 4.75 4.96 19.44
C ASN A 146 4.89 6.49 19.31
N SER A 147 5.03 7.01 18.07
CA SER A 147 5.20 8.44 17.84
C SER A 147 3.91 9.18 18.19
N PRO A 148 3.93 10.34 18.86
CA PRO A 148 2.65 11.02 19.16
C PRO A 148 2.12 11.75 17.92
N LEU A 149 0.89 11.43 17.53
CA LEU A 149 0.24 11.99 16.34
C LEU A 149 -1.05 12.68 16.74
N ARG A 150 -1.65 13.40 15.78
CA ARG A 150 -2.88 14.14 15.97
C ARG A 150 -4.04 13.49 15.18
N ILE A 151 -5.28 13.60 15.71
CA ILE A 151 -6.50 13.12 15.04
C ILE A 151 -7.29 14.37 14.64
N SER A 152 -7.82 14.38 13.42
CA SER A 152 -8.60 15.48 12.88
C SER A 152 -9.71 14.93 12.00
N GLY A 153 -10.63 15.82 11.62
CA GLY A 153 -11.77 15.46 10.79
C GLY A 153 -13.00 15.26 11.64
N PRO A 154 -14.11 14.78 11.05
CA PRO A 154 -15.34 14.63 11.81
C PRO A 154 -15.33 13.65 12.98
N ALA A 155 -14.49 12.62 12.97
CA ALA A 155 -14.40 11.66 14.06
C ALA A 155 -13.48 12.14 15.22
N ALA A 156 -12.73 13.24 15.04
CA ALA A 156 -11.84 13.78 16.09
C ALA A 156 -12.67 14.22 17.31
N GLY A 157 -12.28 13.80 18.50
CA GLY A 157 -12.98 14.17 19.73
C GLY A 157 -14.23 13.38 20.07
N HIS A 158 -14.56 12.34 19.29
CA HIS A 158 -15.75 11.52 19.50
C HIS A 158 -15.53 10.54 20.64
N GLU A 159 -16.63 10.14 21.30
CA GLU A 159 -16.61 9.17 22.41
C GLU A 159 -15.89 7.86 22.04
N LEU A 160 -16.17 7.31 20.83
CA LEU A 160 -15.52 6.08 20.35
C LEU A 160 -13.99 6.21 20.10
N MET A 161 -13.46 7.44 20.05
CA MET A 161 -12.03 7.69 19.88
C MET A 161 -11.38 8.06 21.22
N LYS A 162 -12.12 8.02 22.36
CA LYS A 162 -11.54 8.35 23.68
C LYS A 162 -11.05 7.09 24.36
N THR A 163 -9.92 7.20 25.03
CA THR A 163 -9.33 6.13 25.83
C THR A 163 -8.94 6.71 27.19
N SER A 164 -8.45 5.86 28.10
CA SER A 164 -7.94 6.30 29.40
C SER A 164 -6.67 7.16 29.25
N ALA A 165 -5.76 6.78 28.32
CA ALA A 165 -4.55 7.56 28.06
C ALA A 165 -4.86 8.85 27.34
N ASP A 166 -5.93 8.87 26.51
CA ASP A 166 -6.31 10.07 25.77
C ASP A 166 -7.77 10.37 25.95
N LYS A 167 -8.08 11.09 27.02
CA LYS A 167 -9.44 11.43 27.43
C LYS A 167 -10.15 12.38 26.48
N HIS A 168 -9.42 13.14 25.64
CA HIS A 168 -10.04 14.07 24.68
C HIS A 168 -10.26 13.47 23.26
N GLY A 169 -9.59 12.37 22.91
CA GLY A 169 -9.81 11.72 21.62
C GLY A 169 -9.27 12.48 20.42
N LYS A 170 -8.14 13.20 20.61
CA LYS A 170 -7.50 13.99 19.57
C LYS A 170 -5.99 13.72 19.45
N LYS A 171 -5.43 12.79 20.27
CA LYS A 171 -4.01 12.47 20.26
C LYS A 171 -3.85 10.98 20.30
N VAL A 172 -3.07 10.43 19.40
CA VAL A 172 -2.88 8.97 19.37
C VAL A 172 -1.40 8.65 19.24
N LEU A 173 -1.02 7.53 19.83
CA LEU A 173 0.33 7.04 19.77
C LEU A 173 0.52 6.19 18.53
N GLY A 174 1.06 6.84 17.53
CA GLY A 174 1.64 6.21 16.36
C GLY A 174 0.78 5.83 15.19
N THR A 175 1.50 5.37 14.15
CA THR A 175 0.99 4.83 12.90
C THR A 175 1.83 3.53 12.67
N PHE A 176 1.17 2.40 12.42
CA PHE A 176 1.82 1.11 12.18
C PHE A 176 1.02 0.31 11.15
N GLN A 177 1.59 -0.78 10.63
CA GLN A 177 1.01 -1.57 9.53
C GLN A 177 0.84 -0.65 8.30
N ASN A 178 1.82 0.23 8.10
CA ASN A 178 1.82 1.20 7.00
C ASN A 178 2.09 0.48 5.69
N CYS A 179 1.05 0.38 4.87
CA CYS A 179 1.11 -0.40 3.65
C CYS A 179 1.55 0.52 2.50
N ALA A 180 0.63 1.14 1.72
CA ALA A 180 1.00 2.00 0.61
C ALA A 180 0.66 3.48 0.84
N ASN A 181 0.78 4.33 -0.19
CA ASN A 181 0.85 5.76 -0.10
C ASN A 181 0.02 6.61 -1.04
N GLY A 182 0.10 7.92 -0.78
CA GLY A 182 -0.42 9.00 -1.60
C GLY A 182 0.58 10.14 -1.63
N LYS A 183 0.64 10.85 -2.74
CA LYS A 183 1.46 12.03 -2.90
C LYS A 183 0.48 13.14 -3.30
N THR A 184 0.36 14.20 -2.47
CA THR A 184 -0.57 15.31 -2.74
C THR A 184 0.06 16.36 -3.61
N PRO A 185 -0.78 17.07 -4.37
CA PRO A 185 -0.27 18.19 -5.17
C PRO A 185 0.14 19.43 -4.33
N TRP A 186 -0.15 19.44 -3.00
CA TRP A 186 0.23 20.48 -2.03
C TRP A 186 1.48 20.09 -1.18
N GLY A 187 2.29 19.13 -1.68
CA GLY A 187 3.56 18.72 -1.11
C GLY A 187 3.51 17.93 0.19
N THR A 188 2.48 17.11 0.35
CA THR A 188 2.34 16.25 1.55
C THR A 188 2.23 14.79 1.14
N TYR A 189 2.55 13.92 2.11
CA TYR A 189 2.55 12.47 1.92
C TYR A 189 1.41 11.86 2.69
N LEU A 190 0.71 10.90 2.08
CA LEU A 190 -0.31 10.12 2.76
C LEU A 190 0.23 8.72 3.00
N THR A 191 0.16 8.24 4.24
CA THR A 191 0.52 6.87 4.62
C THR A 191 -0.76 6.18 5.07
N CYS A 192 -0.88 4.90 4.70
CA CYS A 192 -2.08 4.13 4.83
C CYS A 192 -1.90 2.97 5.80
N GLU A 193 -2.74 2.94 6.86
CA GLU A 193 -2.79 1.85 7.87
C GLU A 193 -3.73 0.74 7.37
N GLU A 194 -3.14 -0.44 7.08
CA GLU A 194 -3.82 -1.57 6.50
C GLU A 194 -4.23 -2.64 7.52
N ASN A 195 -3.39 -3.65 7.80
CA ASN A 195 -3.74 -4.74 8.74
C ASN A 195 -3.41 -4.42 10.22
N PHE A 196 -3.82 -3.21 10.66
CA PHE A 196 -3.70 -2.70 12.04
C PHE A 196 -4.39 -3.59 13.09
N THR A 197 -5.49 -4.31 12.70
CA THR A 197 -6.26 -5.17 13.63
C THR A 197 -5.49 -6.39 14.10
N ASP A 198 -4.54 -6.85 13.29
CA ASP A 198 -3.66 -7.96 13.62
C ASP A 198 -2.90 -7.77 14.91
N CYS A 199 -2.61 -6.51 15.27
CA CYS A 199 -1.83 -6.08 16.45
C CYS A 199 -2.58 -6.02 17.77
N PHE A 200 -3.91 -6.20 17.75
CA PHE A 200 -4.72 -6.18 18.98
C PHE A 200 -5.15 -7.60 19.35
N GLY A 201 -5.22 -7.84 20.64
CA GLY A 201 -5.66 -9.09 21.21
C GLY A 201 -6.39 -8.82 22.51
N SER A 202 -6.59 -9.84 23.33
CA SER A 202 -7.22 -9.64 24.62
C SER A 202 -6.69 -10.60 25.66
N SER A 203 -6.41 -10.09 26.86
CA SER A 203 -5.99 -10.88 28.01
C SER A 203 -7.15 -11.80 28.42
N ASN A 204 -8.39 -11.40 28.06
CA ASN A 204 -9.58 -12.23 28.21
C ASN A 204 -9.74 -13.05 26.91
N ALA A 205 -9.51 -14.36 26.98
CA ALA A 205 -9.66 -15.24 25.82
C ALA A 205 -11.13 -15.34 25.41
N GLN A 206 -12.06 -15.19 26.37
CA GLN A 206 -13.50 -15.23 26.11
C GLN A 206 -14.09 -13.81 25.82
N GLN A 207 -13.23 -12.84 25.45
CA GLN A 207 -13.63 -11.46 25.10
C GLN A 207 -14.77 -11.49 24.10
N GLN A 208 -15.83 -10.74 24.39
CA GLN A 208 -17.00 -10.67 23.53
C GLN A 208 -16.87 -9.42 22.69
N PHE A 209 -16.63 -9.59 21.38
CA PHE A 209 -16.50 -8.47 20.49
C PHE A 209 -17.86 -8.14 19.90
N ASP A 210 -18.11 -6.84 19.68
CA ASP A 210 -19.37 -6.33 19.12
C ASP A 210 -19.37 -6.41 17.55
N PRO A 211 -20.52 -6.20 16.86
CA PRO A 211 -20.54 -6.32 15.39
C PRO A 211 -19.45 -5.60 14.60
N ALA A 212 -19.16 -4.35 15.02
CA ALA A 212 -18.19 -3.47 14.39
C ALA A 212 -16.79 -4.05 14.53
N GLN A 213 -16.42 -4.45 15.74
CA GLN A 213 -15.12 -5.06 16.01
C GLN A 213 -14.97 -6.38 15.21
N LYS A 214 -16.03 -7.23 15.13
CA LYS A 214 -15.98 -8.50 14.37
C LYS A 214 -15.85 -8.26 12.86
N ARG A 215 -16.56 -7.24 12.35
CA ARG A 215 -16.48 -6.89 10.94
C ARG A 215 -15.04 -6.50 10.57
N TYR A 216 -14.30 -5.87 11.49
CA TYR A 216 -12.91 -5.45 11.23
C TYR A 216 -11.88 -6.59 11.42
N GLY A 217 -12.28 -7.68 12.05
CA GLY A 217 -11.49 -8.89 12.16
C GLY A 217 -10.63 -9.05 13.39
N VAL A 218 -10.98 -8.36 14.48
CA VAL A 218 -10.20 -8.46 15.70
C VAL A 218 -10.47 -9.85 16.32
N SER A 219 -9.42 -10.39 16.96
CA SER A 219 -9.48 -11.68 17.66
C SER A 219 -8.78 -11.49 18.98
N ALA A 220 -9.10 -12.35 19.97
CA ALA A 220 -8.47 -12.29 21.29
C ALA A 220 -6.97 -12.69 21.25
N ALA A 221 -6.59 -13.58 20.36
CA ALA A 221 -5.22 -14.09 20.28
C ALA A 221 -4.27 -13.13 19.57
N SER A 222 -4.84 -12.23 18.74
CA SER A 222 -4.13 -11.36 17.80
C SER A 222 -3.83 -12.29 16.60
N ARG A 223 -3.22 -11.75 15.55
CA ARG A 223 -2.87 -12.56 14.38
C ARG A 223 -1.36 -12.82 14.41
N GLU A 224 -0.93 -13.53 15.48
CA GLU A 224 0.43 -13.97 15.75
C GLU A 224 1.40 -12.81 15.95
N ILE A 225 0.91 -11.64 16.45
CA ILE A 225 1.75 -10.46 16.73
C ILE A 225 2.15 -10.47 18.21
N ASN A 226 1.18 -10.61 19.11
CA ASN A 226 1.40 -10.73 20.55
C ASN A 226 2.17 -9.59 21.18
N TRP A 227 1.60 -8.38 21.08
CA TRP A 227 2.11 -7.18 21.75
C TRP A 227 1.30 -6.97 23.04
N HIS A 228 -0.04 -7.25 22.97
CA HIS A 228 -1.04 -7.15 24.06
C HIS A 228 -0.64 -7.82 25.40
N PRO A 229 0.05 -8.97 25.43
CA PRO A 229 0.49 -9.50 26.74
C PRO A 229 1.52 -8.59 27.44
N PHE A 230 2.31 -7.81 26.69
CA PHE A 230 3.33 -6.93 27.27
C PHE A 230 3.00 -5.42 27.20
N ASP A 231 2.18 -4.98 26.23
CA ASP A 231 1.78 -3.57 26.10
C ASP A 231 0.27 -3.56 26.17
N PRO A 232 -0.33 -3.11 27.29
CA PRO A 232 -1.79 -3.16 27.42
C PRO A 232 -2.61 -2.23 26.51
N ARG A 233 -1.96 -1.28 25.79
CA ARG A 233 -2.63 -0.39 24.82
C ARG A 233 -3.25 -1.25 23.69
N PHE A 234 -2.65 -2.40 23.41
CA PHE A 234 -3.12 -3.37 22.41
C PHE A 234 -4.09 -4.44 22.99
N ASP A 235 -4.35 -4.40 24.31
CA ASP A 235 -5.23 -5.37 25.00
C ASP A 235 -6.65 -4.84 25.01
N MET A 236 -7.52 -5.42 24.19
CA MET A 236 -8.92 -5.02 24.06
C MET A 236 -9.69 -5.09 25.37
N ALA A 237 -9.30 -5.97 26.33
CA ALA A 237 -10.00 -6.01 27.61
C ALA A 237 -9.77 -4.72 28.42
N LYS A 238 -8.65 -4.02 28.17
CA LYS A 238 -8.26 -2.81 28.89
C LYS A 238 -8.45 -1.50 28.08
N ASN A 239 -8.23 -1.53 26.74
CA ASN A 239 -8.35 -0.35 25.89
C ASN A 239 -9.09 -0.70 24.56
N PRO A 240 -10.38 -1.08 24.64
CA PRO A 240 -11.12 -1.45 23.42
C PRO A 240 -11.17 -0.39 22.33
N ASN A 241 -11.32 0.89 22.73
CA ASN A 241 -11.40 1.99 21.76
C ASN A 241 -10.09 2.31 21.06
N GLU A 242 -8.95 1.76 21.50
CA GLU A 242 -7.67 1.96 20.77
C GLU A 242 -7.78 1.39 19.34
N LEU A 243 -8.59 0.33 19.17
CA LEU A 243 -8.85 -0.25 17.84
C LEU A 243 -9.40 0.80 16.86
N ASN A 244 -10.19 1.78 17.35
CA ASN A 244 -10.80 2.84 16.51
C ASN A 244 -9.89 3.99 16.12
N ARG A 245 -8.78 4.15 16.86
CA ARG A 245 -7.81 5.20 16.63
C ARG A 245 -6.74 4.80 15.60
N HIS A 246 -6.95 3.64 14.92
CA HIS A 246 -6.03 3.14 13.89
C HIS A 246 -6.87 2.64 12.71
N GLY A 247 -6.25 2.45 11.56
CA GLY A 247 -6.95 2.11 10.32
C GLY A 247 -7.38 3.34 9.57
N TRP A 248 -6.55 4.39 9.60
CA TRP A 248 -6.82 5.67 8.93
C TRP A 248 -5.71 6.05 7.96
N VAL A 249 -5.97 7.08 7.17
CA VAL A 249 -5.01 7.68 6.27
C VAL A 249 -4.38 8.82 7.08
N VAL A 250 -3.05 8.86 7.13
CA VAL A 250 -2.29 9.84 7.89
C VAL A 250 -1.51 10.71 6.95
N GLU A 251 -1.56 12.02 7.20
CA GLU A 251 -0.91 13.02 6.39
C GLU A 251 0.36 13.52 7.06
N ILE A 252 1.48 13.44 6.32
CA ILE A 252 2.79 13.83 6.78
C ILE A 252 3.35 14.97 5.91
N ASP A 253 4.03 15.96 6.52
CA ASP A 253 4.74 16.98 5.75
C ASP A 253 6.20 16.58 5.80
N PRO A 254 6.79 16.11 4.68
CA PRO A 254 8.21 15.68 4.74
C PRO A 254 9.22 16.81 4.85
N PHE A 255 8.81 18.00 4.45
CA PHE A 255 9.64 19.19 4.43
C PHE A 255 9.62 19.92 5.74
N ASP A 256 8.88 19.41 6.76
CA ASP A 256 8.90 20.00 8.11
C ASP A 256 9.16 18.87 9.13
N PRO A 257 10.43 18.62 9.54
CA PRO A 257 10.67 17.56 10.54
C PRO A 257 10.06 17.79 11.93
N GLN A 258 9.68 19.04 12.26
CA GLN A 258 9.04 19.35 13.54
C GLN A 258 7.51 19.38 13.43
N SER A 259 6.90 18.87 12.32
CA SER A 259 5.44 18.87 12.17
C SER A 259 4.82 17.64 12.87
N THR A 260 3.55 17.70 13.26
CA THR A 260 2.88 16.54 13.85
C THR A 260 1.96 15.87 12.79
N PRO A 261 2.17 14.59 12.38
CA PRO A 261 1.26 13.99 11.40
C PRO A 261 -0.15 13.93 11.92
N VAL A 262 -1.10 13.96 10.98
CA VAL A 262 -2.53 14.02 11.26
C VAL A 262 -3.28 12.90 10.65
N LYS A 263 -4.08 12.18 11.46
CA LYS A 263 -4.97 11.12 10.99
C LYS A 263 -6.23 11.84 10.46
N ARG A 264 -6.49 11.68 9.14
CA ARG A 264 -7.59 12.31 8.40
C ARG A 264 -8.86 11.42 8.40
N THR A 265 -9.66 11.57 9.43
CA THR A 265 -10.82 10.73 9.66
C THR A 265 -11.95 10.88 8.64
N ALA A 266 -11.95 11.98 7.86
CA ALA A 266 -12.94 12.17 6.79
C ALA A 266 -12.71 11.18 5.63
N LEU A 267 -11.52 10.55 5.53
CA LEU A 267 -11.28 9.57 4.47
C LEU A 267 -11.71 8.13 4.87
N GLY A 268 -12.26 7.96 6.08
CA GLY A 268 -12.83 6.73 6.58
C GLY A 268 -11.85 5.78 7.24
N ARG A 269 -12.38 4.77 7.94
CA ARG A 269 -11.56 3.77 8.63
C ARG A 269 -11.78 2.40 8.05
N PHE A 270 -10.70 1.77 7.61
CA PHE A 270 -10.71 0.45 7.00
C PHE A 270 -9.26 0.01 6.81
N LYS A 271 -9.02 -1.10 6.10
CA LYS A 271 -7.67 -1.60 5.92
C LYS A 271 -7.13 -0.98 4.66
N HIS A 272 -6.73 0.28 4.82
CA HIS A 272 -6.25 1.14 3.72
C HIS A 272 -4.96 0.62 3.10
N GLU A 273 -5.01 0.27 1.81
CA GLU A 273 -3.85 -0.14 1.05
C GLU A 273 -3.12 1.14 0.58
N ASN A 274 -3.67 1.91 -0.40
CA ASN A 274 -3.05 3.15 -0.87
C ASN A 274 -4.09 4.26 -1.05
N ALA A 275 -3.67 5.40 -1.62
CA ALA A 275 -4.51 6.59 -1.82
C ALA A 275 -4.09 7.26 -3.10
N ALA A 276 -4.89 7.11 -4.19
CA ALA A 276 -4.55 7.67 -5.49
C ALA A 276 -5.17 9.04 -5.63
N LEU A 277 -4.33 10.06 -5.81
CA LEU A 277 -4.84 11.42 -5.99
C LEU A 277 -5.31 11.70 -7.39
N ALA A 278 -6.41 12.48 -7.48
CA ALA A 278 -6.96 13.00 -8.71
C ALA A 278 -7.54 14.39 -8.40
N GLU A 279 -8.16 15.03 -9.40
CA GLU A 279 -8.73 16.37 -9.27
CA GLU A 279 -8.73 16.35 -9.25
C GLU A 279 -9.98 16.48 -10.11
N THR A 280 -11.06 17.03 -9.55
CA THR A 280 -12.29 17.20 -10.32
C THR A 280 -12.08 18.32 -11.35
N ASP A 281 -12.94 18.41 -12.35
CA ASP A 281 -12.85 19.49 -13.32
C ASP A 281 -13.02 20.85 -12.61
N ASP A 282 -13.77 20.93 -11.51
CA ASP A 282 -13.84 22.22 -10.79
C ASP A 282 -12.75 22.42 -9.72
N GLY A 283 -11.69 21.59 -9.74
CA GLY A 283 -10.51 21.77 -8.93
C GLY A 283 -10.40 21.18 -7.54
N ARG A 284 -11.35 20.31 -7.14
CA ARG A 284 -11.39 19.69 -5.83
C ARG A 284 -10.56 18.41 -5.78
N ALA A 285 -9.96 18.11 -4.63
CA ALA A 285 -9.15 16.91 -4.46
C ALA A 285 -10.03 15.67 -4.49
N VAL A 286 -9.53 14.59 -5.12
CA VAL A 286 -10.19 13.31 -5.16
C VAL A 286 -9.16 12.31 -4.69
N VAL A 287 -9.58 11.35 -3.85
CA VAL A 287 -8.70 10.30 -3.35
C VAL A 287 -9.39 8.93 -3.48
N TYR A 288 -8.89 8.07 -4.37
CA TYR A 288 -9.37 6.69 -4.53
C TYR A 288 -8.66 5.82 -3.56
N MET A 289 -9.38 4.87 -2.93
CA MET A 289 -8.85 4.04 -1.87
C MET A 289 -9.41 2.66 -1.79
N GLY A 290 -8.53 1.67 -1.65
CA GLY A 290 -8.89 0.26 -1.49
C GLY A 290 -8.84 -0.19 -0.05
N ASP A 291 -9.75 -1.12 0.29
CA ASP A 291 -9.82 -1.80 1.59
C ASP A 291 -9.39 -3.24 1.24
N ASP A 292 -8.15 -3.62 1.56
CA ASP A 292 -7.59 -4.92 1.17
C ASP A 292 -7.98 -6.04 2.11
N GLU A 293 -9.09 -6.66 1.79
CA GLU A 293 -9.59 -7.85 2.48
C GLU A 293 -10.60 -8.50 1.54
N ARG A 294 -10.60 -9.83 1.51
CA ARG A 294 -11.52 -10.61 0.66
C ARG A 294 -12.96 -10.13 0.85
N GLY A 295 -13.63 -9.78 -0.25
CA GLY A 295 -15.01 -9.33 -0.24
C GLY A 295 -15.27 -7.92 0.27
N GLU A 296 -14.21 -7.10 0.48
CA GLU A 296 -14.37 -5.70 0.90
C GLU A 296 -14.45 -4.74 -0.29
N PHE A 297 -14.59 -3.43 -0.03
CA PHE A 297 -14.90 -2.43 -1.05
C PHE A 297 -13.78 -1.47 -1.53
N ILE A 298 -14.13 -0.69 -2.58
CA ILE A 298 -13.33 0.40 -3.19
C ILE A 298 -14.08 1.71 -2.87
N TYR A 299 -13.36 2.70 -2.31
CA TYR A 299 -13.86 3.98 -1.88
C TYR A 299 -13.31 5.15 -2.70
N LYS A 300 -13.90 6.30 -2.51
CA LYS A 300 -13.55 7.54 -3.21
C LYS A 300 -13.96 8.70 -2.30
N PHE A 301 -13.00 9.57 -1.95
CA PHE A 301 -13.26 10.79 -1.17
C PHE A 301 -13.14 11.99 -2.08
N VAL A 302 -14.09 12.94 -1.99
CA VAL A 302 -14.03 14.19 -2.77
C VAL A 302 -14.04 15.38 -1.81
N SER A 303 -13.00 16.22 -1.84
CA SER A 303 -12.91 17.39 -0.93
C SER A 303 -13.99 18.44 -1.15
N ARG A 304 -14.34 19.17 -0.09
CA ARG A 304 -15.30 20.27 -0.18
C ARG A 304 -14.65 21.40 -1.01
N ASP A 305 -13.41 21.73 -0.66
CA ASP A 305 -12.68 22.86 -1.21
C ASP A 305 -11.85 22.52 -2.42
N LYS A 306 -11.58 23.54 -3.19
CA LYS A 306 -10.73 23.45 -4.35
C LYS A 306 -9.28 23.47 -3.90
N ILE A 307 -8.42 22.73 -4.60
CA ILE A 307 -6.98 22.70 -4.34
C ILE A 307 -6.42 24.07 -4.71
N ASN A 308 -5.65 24.64 -3.80
CA ASN A 308 -4.97 25.93 -4.01
C ASN A 308 -3.57 25.56 -4.43
N HIS A 309 -3.35 25.43 -5.75
CA HIS A 309 -2.06 25.03 -6.32
CA HIS A 309 -2.06 25.03 -6.32
C HIS A 309 -0.95 26.05 -6.10
N ARG A 310 -1.30 27.36 -6.02
CA ARG A 310 -0.33 28.48 -5.85
C ARG A 310 0.14 28.73 -4.40
N ASN A 311 -0.62 28.26 -3.39
CA ASN A 311 -0.29 28.45 -1.99
C ASN A 311 -0.47 27.10 -1.28
N ALA A 312 0.58 26.28 -1.25
CA ALA A 312 0.53 24.95 -0.66
C ALA A 312 -0.07 24.90 0.75
N LYS A 313 0.37 25.78 1.67
CA LYS A 313 -0.11 25.79 3.08
C LYS A 313 -1.59 26.17 3.24
N ALA A 314 -2.22 26.79 2.22
CA ALA A 314 -3.67 27.08 2.24
C ALA A 314 -4.51 25.76 2.25
N ASN A 315 -3.90 24.59 1.87
CA ASN A 315 -4.58 23.30 1.85
C ASN A 315 -4.38 22.47 3.11
N ARG A 316 -3.98 23.10 4.23
CA ARG A 316 -3.74 22.44 5.52
C ARG A 316 -4.88 21.49 5.96
N ASP A 317 -6.12 21.96 5.85
CA ASP A 317 -7.30 21.21 6.26
C ASP A 317 -8.18 20.72 5.10
N ILE A 318 -7.65 20.65 3.86
CA ILE A 318 -8.43 20.20 2.72
C ILE A 318 -9.04 18.77 2.88
N LEU A 319 -8.31 17.81 3.49
CA LEU A 319 -8.80 16.42 3.67
C LEU A 319 -9.71 16.25 4.89
N ASP A 320 -10.13 17.33 5.57
CA ASP A 320 -11.06 17.27 6.72
C ASP A 320 -12.49 17.57 6.33
N HIS A 321 -12.73 18.01 5.08
CA HIS A 321 -14.07 18.36 4.63
C HIS A 321 -14.27 17.77 3.25
N GLY A 322 -15.37 17.07 3.09
CA GLY A 322 -15.72 16.44 1.81
C GLY A 322 -16.73 15.32 1.94
N THR A 323 -16.85 14.47 0.90
CA THR A 323 -17.78 13.36 0.92
C THR A 323 -17.05 12.08 0.61
N LEU A 324 -17.32 11.01 1.39
CA LEU A 324 -16.69 9.73 1.15
C LEU A 324 -17.72 8.89 0.43
N TYR A 325 -17.29 8.22 -0.63
CA TYR A 325 -18.17 7.37 -1.42
C TYR A 325 -17.62 5.93 -1.46
N VAL A 326 -18.50 4.97 -1.88
CA VAL A 326 -18.17 3.55 -2.06
C VAL A 326 -18.71 3.06 -3.42
N ALA A 327 -17.97 2.16 -4.07
CA ALA A 327 -18.32 1.66 -5.39
C ALA A 327 -19.27 0.49 -5.47
N ARG A 328 -20.14 0.55 -6.49
CA ARG A 328 -21.01 -0.56 -6.89
C ARG A 328 -20.70 -0.80 -8.35
N PHE A 329 -20.38 -2.05 -8.72
CA PHE A 329 -20.07 -2.42 -10.08
C PHE A 329 -21.22 -3.30 -10.59
N ASP A 330 -21.69 -3.06 -11.84
CA ASP A 330 -22.78 -3.89 -12.39
C ASP A 330 -22.21 -5.25 -12.85
N ALA A 331 -23.07 -6.12 -13.41
CA ALA A 331 -22.65 -7.47 -13.85
C ALA A 331 -21.76 -7.46 -15.11
N GLY A 332 -21.79 -6.36 -15.86
CA GLY A 332 -21.03 -6.27 -17.10
C GLY A 332 -21.61 -7.17 -18.17
N ASP A 333 -20.93 -7.25 -19.29
CA ASP A 333 -21.36 -8.03 -20.46
C ASP A 333 -21.01 -9.53 -20.44
N GLY A 334 -20.26 -9.98 -19.43
CA GLY A 334 -19.83 -11.37 -19.31
C GLY A 334 -18.78 -11.83 -20.31
N ASN A 335 -18.18 -10.92 -21.12
CA ASN A 335 -17.20 -11.38 -22.08
C ASN A 335 -16.07 -12.10 -21.30
N PRO A 336 -15.75 -13.34 -21.68
CA PRO A 336 -14.73 -14.07 -20.90
C PRO A 336 -13.30 -13.52 -20.96
N ASP A 337 -12.94 -12.85 -22.07
CA ASP A 337 -11.58 -12.34 -22.23
C ASP A 337 -11.44 -10.91 -21.74
N HIS A 338 -12.51 -10.10 -21.85
CA HIS A 338 -12.43 -8.69 -21.52
C HIS A 338 -13.76 -8.18 -21.11
N PRO A 339 -14.22 -8.61 -19.93
CA PRO A 339 -15.54 -8.18 -19.49
C PRO A 339 -15.55 -6.68 -19.23
N LYS A 340 -16.69 -6.04 -19.48
CA LYS A 340 -16.82 -4.60 -19.28
C LYS A 340 -18.23 -4.20 -18.94
N GLY A 341 -18.34 -3.13 -18.19
CA GLY A 341 -19.63 -2.62 -17.76
C GLY A 341 -19.59 -1.22 -17.21
N GLN A 342 -20.58 -0.91 -16.36
CA GLN A 342 -20.78 0.38 -15.70
C GLN A 342 -20.77 0.23 -14.19
N GLY A 343 -20.58 1.34 -13.49
CA GLY A 343 -20.55 1.38 -12.04
C GLY A 343 -20.90 2.77 -11.54
N GLN A 344 -20.94 2.92 -10.22
CA GLN A 344 -21.31 4.16 -9.56
C GLN A 344 -20.68 4.31 -8.20
N TRP A 345 -20.73 5.52 -7.69
CA TRP A 345 -20.22 5.93 -6.40
C TRP A 345 -21.41 6.29 -5.54
N ILE A 346 -21.58 5.57 -4.43
CA ILE A 346 -22.67 5.79 -3.49
C ILE A 346 -22.12 6.51 -2.22
N GLU A 347 -22.79 7.59 -1.84
CA GLU A 347 -22.42 8.47 -0.74
C GLU A 347 -22.58 7.84 0.64
N LEU A 348 -21.55 8.00 1.51
CA LEU A 348 -21.57 7.47 2.88
C LEU A 348 -21.76 8.67 3.80
N THR A 349 -23.01 9.16 3.89
CA THR A 349 -23.33 10.35 4.69
C THR A 349 -24.47 10.01 5.64
N HIS A 350 -24.35 10.40 6.90
CA HIS A 350 -25.39 10.13 7.90
C HIS A 350 -26.66 10.90 7.50
N GLY A 351 -27.80 10.20 7.50
CA GLY A 351 -29.08 10.75 7.06
C GLY A 351 -29.46 10.36 5.64
N LYS A 352 -28.50 9.81 4.81
CA LYS A 352 -28.77 9.42 3.42
C LYS A 352 -28.55 7.93 3.15
N ASN A 353 -29.20 7.41 2.09
CA ASN A 353 -29.08 6.02 1.67
C ASN A 353 -29.33 4.98 2.77
N GLY A 354 -30.20 5.29 3.72
CA GLY A 354 -30.53 4.35 4.80
C GLY A 354 -29.45 4.23 5.86
N ILE A 355 -28.55 5.24 5.96
CA ILE A 355 -27.48 5.34 6.96
C ILE A 355 -28.03 6.28 8.05
N ASP A 356 -28.52 5.70 9.17
CA ASP A 356 -29.08 6.48 10.27
C ASP A 356 -29.13 5.62 11.54
N ALA A 357 -29.70 6.18 12.62
CA ALA A 357 -29.86 5.48 13.90
C ALA A 357 -30.45 4.08 13.75
N SER A 358 -31.42 3.90 12.82
CA SER A 358 -32.07 2.62 12.52
C SER A 358 -31.13 1.52 11.99
N SER A 359 -30.09 1.89 11.22
CA SER A 359 -29.09 0.95 10.70
C SER A 359 -27.80 0.93 11.57
N GLY A 360 -27.82 1.63 12.72
CA GLY A 360 -26.74 1.63 13.71
C GLY A 360 -25.71 2.74 13.65
N PHE A 361 -26.09 3.94 13.18
CA PHE A 361 -25.19 5.11 13.11
C PHE A 361 -25.85 6.30 13.75
N ALA A 362 -25.37 6.69 14.92
CA ALA A 362 -25.88 7.84 15.66
C ALA A 362 -25.43 9.18 15.07
N ASP A 363 -24.30 9.22 14.31
CA ASP A 363 -23.77 10.46 13.76
C ASP A 363 -22.78 10.19 12.61
N GLN A 364 -22.28 11.26 11.98
CA GLN A 364 -21.33 11.13 10.88
C GLN A 364 -19.99 10.50 11.34
N ALA A 365 -19.56 10.74 12.57
CA ALA A 365 -18.31 10.19 13.07
C ALA A 365 -18.35 8.67 13.01
N GLU A 366 -19.48 8.08 13.45
CA GLU A 366 -19.73 6.62 13.44
C GLU A 366 -19.76 6.07 12.04
N VAL A 367 -20.28 6.85 11.09
CA VAL A 367 -20.27 6.45 9.70
C VAL A 367 -18.80 6.20 9.26
N LEU A 368 -17.89 7.07 9.67
CA LEU A 368 -16.48 7.02 9.24
C LEU A 368 -15.68 6.00 10.00
N ILE A 369 -15.93 5.88 11.33
CA ILE A 369 -15.24 4.90 12.19
C ILE A 369 -15.66 3.49 11.75
N HIS A 370 -16.93 3.34 11.32
CA HIS A 370 -17.48 2.08 10.84
C HIS A 370 -17.86 2.16 9.37
N ALA A 371 -16.96 2.72 8.52
CA ALA A 371 -17.16 2.82 7.08
C ALA A 371 -17.55 1.51 6.42
N ARG A 372 -16.94 0.39 6.85
CA ARG A 372 -17.26 -0.93 6.31
C ARG A 372 -18.74 -1.29 6.49
N LEU A 373 -19.28 -1.02 7.68
CA LEU A 373 -20.69 -1.29 7.98
C LEU A 373 -21.62 -0.37 7.20
N ALA A 374 -21.23 0.91 7.00
CA ALA A 374 -22.02 1.88 6.25
C ALA A 374 -22.02 1.56 4.74
N ALA A 375 -20.90 1.04 4.23
CA ALA A 375 -20.77 0.65 2.83
C ALA A 375 -21.68 -0.56 2.48
N SER A 376 -21.82 -1.49 3.45
CA SER A 376 -22.69 -2.67 3.31
C SER A 376 -24.15 -2.25 3.32
N VAL A 377 -24.52 -1.30 4.18
CA VAL A 377 -25.89 -0.79 4.20
C VAL A 377 -26.33 -0.27 2.83
N VAL A 378 -25.47 0.53 2.14
CA VAL A 378 -25.78 1.12 0.83
C VAL A 378 -25.57 0.15 -0.36
N GLY A 379 -25.05 -1.05 -0.11
CA GLY A 379 -24.95 -2.09 -1.14
C GLY A 379 -23.76 -1.99 -2.07
N ALA A 380 -22.58 -1.78 -1.51
CA ALA A 380 -21.35 -1.71 -2.27
C ALA A 380 -21.01 -3.12 -2.76
N THR A 381 -20.31 -3.23 -3.88
CA THR A 381 -19.94 -4.52 -4.45
C THR A 381 -18.74 -5.09 -3.73
N ARG A 382 -18.84 -6.35 -3.31
CA ARG A 382 -17.77 -7.04 -2.63
C ARG A 382 -16.72 -7.38 -3.66
N MET A 383 -15.43 -7.05 -3.39
CA MET A 383 -14.33 -7.26 -4.37
C MET A 383 -13.23 -8.25 -3.98
N ASP A 384 -12.49 -8.67 -4.99
CA ASP A 384 -11.39 -9.62 -4.89
C ASP A 384 -10.10 -8.94 -4.43
N ARG A 385 -10.10 -8.43 -3.17
CA ARG A 385 -8.97 -7.80 -2.50
C ARG A 385 -8.40 -6.59 -3.25
N PRO A 386 -9.08 -5.44 -3.17
CA PRO A 386 -8.52 -4.25 -3.83
C PRO A 386 -7.20 -3.85 -3.19
N GLU A 387 -6.11 -3.81 -3.96
CA GLU A 387 -4.83 -3.37 -3.42
C GLU A 387 -4.50 -1.98 -3.98
N TRP A 388 -3.44 -1.77 -4.80
CA TRP A 388 -3.13 -0.40 -5.19
C TRP A 388 -4.00 0.14 -6.29
N ILE A 389 -4.24 1.44 -6.21
CA ILE A 389 -4.91 2.22 -7.23
C ILE A 389 -3.96 3.27 -7.80
N VAL A 390 -4.05 3.52 -9.12
CA VAL A 390 -3.32 4.61 -9.81
C VAL A 390 -4.17 5.29 -10.87
N VAL A 391 -3.95 6.60 -11.06
CA VAL A 391 -4.64 7.42 -12.02
C VAL A 391 -3.63 7.71 -13.12
N SER A 392 -4.00 7.41 -14.37
CA SER A 392 -3.11 7.65 -15.49
C SER A 392 -2.85 9.16 -15.66
N PRO A 393 -1.56 9.57 -15.69
CA PRO A 393 -1.24 10.98 -15.92
C PRO A 393 -1.54 11.48 -17.34
N LYS A 394 -1.82 10.57 -18.30
CA LYS A 394 -2.08 10.99 -19.68
C LYS A 394 -3.57 11.14 -20.01
N ASP A 395 -4.45 10.30 -19.45
CA ASP A 395 -5.89 10.32 -19.73
C ASP A 395 -6.82 10.17 -18.51
N GLY A 396 -6.26 10.11 -17.29
CA GLY A 396 -7.05 10.06 -16.06
C GLY A 396 -7.77 8.75 -15.76
N GLN A 397 -7.57 7.69 -16.58
CA GLN A 397 -8.23 6.42 -16.33
C GLN A 397 -7.58 5.82 -15.09
N VAL A 398 -8.41 5.20 -14.26
CA VAL A 398 -8.04 4.66 -12.97
C VAL A 398 -7.88 3.14 -13.05
N TYR A 399 -6.80 2.61 -12.43
CA TYR A 399 -6.48 1.20 -12.45
C TYR A 399 -6.32 0.72 -11.03
N CYS A 400 -6.84 -0.46 -10.71
CA CYS A 400 -6.85 -1.04 -9.38
C CYS A 400 -6.54 -2.54 -9.44
N THR A 401 -5.62 -3.02 -8.59
CA THR A 401 -5.35 -4.44 -8.57
C THR A 401 -6.37 -5.15 -7.66
N LEU A 402 -6.78 -6.37 -8.04
CA LEU A 402 -7.63 -7.23 -7.24
C LEU A 402 -6.71 -8.43 -7.14
N THR A 403 -5.96 -8.53 -6.05
CA THR A 403 -4.82 -9.43 -5.97
C THR A 403 -5.17 -10.89 -6.05
N ASN A 404 -6.18 -11.29 -5.35
CA ASN A 404 -6.67 -12.68 -5.38
C ASN A 404 -7.93 -12.79 -4.52
N ASN A 405 -8.59 -13.94 -4.52
CA ASN A 405 -9.75 -14.18 -3.64
C ASN A 405 -10.14 -15.63 -3.69
N ALA A 406 -9.46 -16.41 -2.87
CA ALA A 406 -9.75 -17.84 -2.70
C ALA A 406 -11.20 -18.11 -2.21
N LYS A 407 -11.89 -17.11 -1.63
CA LYS A 407 -13.29 -17.27 -1.20
C LYS A 407 -14.33 -16.87 -2.21
N ARG A 408 -13.95 -16.36 -3.42
CA ARG A 408 -14.93 -16.00 -4.47
C ARG A 408 -15.73 -17.23 -4.84
N GLY A 409 -17.05 -17.06 -4.91
CA GLY A 409 -18.00 -18.13 -5.20
C GLY A 409 -18.70 -18.63 -3.94
N GLU A 410 -18.11 -18.45 -2.70
CA GLU A 410 -18.77 -18.89 -1.47
CA GLU A 410 -18.76 -18.86 -1.45
C GLU A 410 -20.01 -18.00 -1.22
N ASP A 411 -20.93 -18.45 -0.36
CA ASP A 411 -22.18 -17.74 -0.05
C ASP A 411 -21.88 -16.29 0.37
N GLY A 412 -22.40 -15.34 -0.40
CA GLY A 412 -22.19 -13.91 -0.14
C GLY A 412 -21.22 -13.23 -1.09
N GLN A 413 -20.38 -14.01 -1.81
CA GLN A 413 -19.42 -13.48 -2.75
C GLN A 413 -19.63 -14.20 -4.07
N PRO A 414 -20.73 -13.93 -4.79
CA PRO A 414 -20.94 -14.62 -6.07
C PRO A 414 -19.99 -14.18 -7.17
N VAL A 415 -19.86 -15.05 -8.17
CA VAL A 415 -18.98 -14.85 -9.32
C VAL A 415 -19.68 -13.93 -10.31
N GLY A 416 -19.02 -12.83 -10.68
CA GLY A 416 -19.60 -11.88 -11.62
C GLY A 416 -18.85 -10.59 -11.79
N GLY A 417 -19.17 -9.89 -12.88
CA GLY A 417 -18.59 -8.60 -13.26
C GLY A 417 -17.07 -8.56 -13.15
N PRO A 418 -16.52 -7.69 -12.25
CA PRO A 418 -15.06 -7.58 -12.15
C PRO A 418 -14.37 -8.70 -11.38
N ASN A 419 -15.12 -9.65 -10.82
CA ASN A 419 -14.61 -10.80 -10.06
C ASN A 419 -15.19 -12.05 -10.77
N PRO A 420 -14.66 -12.35 -11.98
CA PRO A 420 -15.25 -13.42 -12.83
C PRO A 420 -14.88 -14.87 -12.55
N ARG A 421 -14.04 -15.16 -11.57
CA ARG A 421 -13.63 -16.56 -11.32
C ARG A 421 -13.77 -16.99 -9.89
N GLU A 422 -14.27 -18.20 -9.68
CA GLU A 422 -14.34 -18.76 -8.33
C GLU A 422 -12.94 -19.15 -7.92
N LYS A 423 -12.66 -19.08 -6.59
CA LYS A 423 -11.39 -19.52 -5.98
C LYS A 423 -10.21 -18.97 -6.74
N ASN A 424 -10.22 -17.65 -6.81
CA ASN A 424 -9.27 -16.82 -7.52
C ASN A 424 -7.86 -16.82 -6.86
N VAL A 425 -6.92 -17.51 -7.48
CA VAL A 425 -5.54 -17.57 -6.99
C VAL A 425 -4.60 -16.66 -7.74
N TYR A 426 -5.04 -16.06 -8.86
CA TYR A 426 -4.16 -15.27 -9.69
C TYR A 426 -4.39 -13.78 -9.64
N GLY A 427 -5.66 -13.38 -9.61
CA GLY A 427 -6.00 -11.96 -9.57
C GLY A 427 -6.23 -11.34 -10.94
N GLN A 428 -6.47 -10.03 -10.94
CA GLN A 428 -6.80 -9.28 -12.14
C GLN A 428 -6.59 -7.77 -11.88
N ILE A 429 -6.51 -6.98 -12.95
CA ILE A 429 -6.37 -5.53 -12.86
C ILE A 429 -7.64 -4.94 -13.49
N LEU A 430 -8.34 -4.16 -12.71
CA LEU A 430 -9.60 -3.50 -13.03
C LEU A 430 -9.31 -2.08 -13.40
N ARG A 431 -9.96 -1.56 -14.45
CA ARG A 431 -9.82 -0.19 -14.89
C ARG A 431 -11.18 0.49 -14.89
N TRP A 432 -11.24 1.82 -14.64
CA TRP A 432 -12.46 2.59 -14.82
C TRP A 432 -12.21 3.95 -15.43
N ARG A 433 -13.11 4.41 -16.28
CA ARG A 433 -13.05 5.71 -16.91
C ARG A 433 -14.23 6.51 -16.35
N THR A 434 -13.94 7.50 -15.52
CA THR A 434 -14.98 8.35 -14.93
C THR A 434 -15.80 9.07 -16.05
N ASP A 435 -17.12 9.29 -15.81
CA ASP A 435 -17.96 9.87 -16.87
C ASP A 435 -17.51 11.30 -17.24
N ARG A 436 -17.46 11.60 -18.55
CA ARG A 436 -17.01 12.89 -19.10
C ARG A 436 -15.55 13.23 -18.74
N ASP A 437 -14.77 12.22 -18.33
CA ASP A 437 -13.41 12.36 -17.85
C ASP A 437 -13.28 13.31 -16.64
N ASP A 438 -14.40 13.54 -15.96
CA ASP A 438 -14.43 14.38 -14.78
C ASP A 438 -14.46 13.46 -13.56
N HIS A 439 -13.47 13.59 -12.66
CA HIS A 439 -13.41 12.77 -11.43
C HIS A 439 -14.52 13.06 -10.43
N ALA A 440 -15.30 14.15 -10.60
CA ALA A 440 -16.46 14.43 -9.77
C ALA A 440 -17.68 13.55 -10.13
N SER A 441 -17.73 12.99 -11.36
CA SER A 441 -18.85 12.16 -11.83
C SER A 441 -19.14 10.99 -10.89
N LYS A 442 -20.42 10.73 -10.65
CA LYS A 442 -20.84 9.62 -9.80
C LYS A 442 -20.93 8.27 -10.55
N THR A 443 -20.68 8.23 -11.90
CA THR A 443 -20.72 6.99 -12.69
C THR A 443 -19.47 6.82 -13.54
N PHE A 444 -19.25 5.60 -13.95
CA PHE A 444 -18.04 5.28 -14.69
C PHE A 444 -18.21 4.02 -15.48
N ALA A 445 -17.44 3.89 -16.56
CA ALA A 445 -17.37 2.65 -17.32
C ALA A 445 -16.18 1.87 -16.74
N TRP A 446 -16.30 0.52 -16.59
CA TRP A 446 -15.24 -0.33 -16.09
C TRP A 446 -14.93 -1.47 -17.08
N ASP A 447 -13.71 -2.01 -17.02
CA ASP A 447 -13.25 -3.13 -17.82
C ASP A 447 -12.11 -3.85 -17.06
N LEU A 448 -11.85 -5.13 -17.35
CA LEU A 448 -10.74 -5.81 -16.72
C LEU A 448 -9.59 -5.71 -17.68
N PHE A 449 -8.60 -4.86 -17.34
CA PHE A 449 -7.39 -4.63 -18.12
C PHE A 449 -6.60 -5.91 -18.32
N VAL A 450 -6.54 -6.75 -17.29
CA VAL A 450 -5.92 -8.06 -17.39
C VAL A 450 -6.53 -8.95 -16.34
N VAL A 451 -6.59 -10.23 -16.64
CA VAL A 451 -7.01 -11.29 -15.74
C VAL A 451 -5.83 -12.22 -15.74
N ALA A 452 -5.14 -12.30 -14.60
CA ALA A 452 -3.93 -13.10 -14.48
C ALA A 452 -4.25 -14.59 -14.51
N GLY A 453 -3.30 -15.37 -14.97
CA GLY A 453 -3.50 -16.80 -15.06
C GLY A 453 -2.26 -17.50 -15.54
N ASN A 454 -2.34 -18.81 -15.68
CA ASN A 454 -1.22 -19.61 -16.12
C ASN A 454 -1.60 -20.35 -17.39
N PRO A 455 -1.32 -19.78 -18.56
CA PRO A 455 -1.69 -20.47 -19.82
C PRO A 455 -0.93 -21.75 -20.11
N SER A 456 0.20 -21.99 -19.43
CA SER A 456 0.98 -23.21 -19.66
C SER A 456 0.33 -24.40 -19.02
N VAL A 457 -0.20 -24.24 -17.80
CA VAL A 457 -0.83 -25.33 -17.08
C VAL A 457 -2.33 -25.37 -17.19
N HIS A 458 -2.99 -24.27 -17.61
CA HIS A 458 -4.44 -24.25 -17.77
C HIS A 458 -4.86 -23.62 -19.07
N ALA A 459 -4.23 -24.03 -20.17
CA ALA A 459 -4.54 -23.53 -21.50
C ALA A 459 -6.02 -23.67 -21.80
N GLY A 460 -6.60 -22.61 -22.32
CA GLY A 460 -8.00 -22.58 -22.73
C GLY A 460 -9.06 -22.57 -21.66
N THR A 461 -8.71 -22.26 -20.43
CA THR A 461 -9.69 -22.22 -19.34
C THR A 461 -9.61 -20.88 -18.63
N PRO A 462 -10.58 -20.53 -17.77
CA PRO A 462 -10.49 -19.24 -17.03
C PRO A 462 -9.16 -19.05 -16.24
N LYS A 463 -8.58 -20.14 -15.67
CA LYS A 463 -7.30 -20.08 -14.96
C LYS A 463 -6.09 -19.82 -15.90
N GLY A 464 -6.30 -19.87 -17.22
CA GLY A 464 -5.28 -19.51 -18.21
C GLY A 464 -5.14 -18.02 -18.41
N GLY A 465 -6.00 -17.23 -17.75
CA GLY A 465 -5.93 -15.79 -17.84
C GLY A 465 -6.49 -15.23 -19.14
N SER A 466 -6.50 -13.88 -19.26
CA SER A 466 -6.95 -13.19 -20.47
C SER A 466 -5.86 -13.34 -21.52
N SER A 467 -6.18 -13.01 -22.76
CA SER A 467 -5.32 -13.19 -23.93
C SER A 467 -4.00 -12.41 -23.94
N ASN A 468 -3.91 -11.34 -23.18
CA ASN A 468 -2.69 -10.55 -23.05
C ASN A 468 -1.72 -11.18 -22.02
N ILE A 469 -2.09 -12.33 -21.42
CA ILE A 469 -1.23 -13.12 -20.56
C ILE A 469 -0.71 -14.21 -21.48
N THR A 470 0.60 -14.42 -21.49
CA THR A 470 1.19 -15.46 -22.32
C THR A 470 2.10 -16.26 -21.42
N PRO A 471 2.58 -17.44 -21.86
CA PRO A 471 3.58 -18.18 -21.08
C PRO A 471 4.90 -17.41 -20.82
N GLN A 472 5.22 -16.41 -21.66
N GLN A 472 5.38 -16.70 -21.84
CA GLN A 472 6.44 -15.60 -21.55
CA GLN A 472 7.38 -15.20 -22.73
C GLN A 472 6.34 -14.48 -20.50
C GLN A 472 6.38 -14.29 -20.61
N ASN A 473 5.13 -13.91 -20.27
CA ASN A 473 4.93 -12.80 -19.34
C ASN A 473 4.09 -13.12 -18.09
N MET A 474 3.74 -14.40 -17.83
CA MET A 474 2.80 -14.71 -16.74
C MET A 474 3.31 -14.42 -15.31
N PHE A 475 2.37 -14.02 -14.47
CA PHE A 475 2.58 -13.63 -13.09
C PHE A 475 1.29 -13.90 -12.30
N ASN A 476 1.35 -13.67 -11.00
CA ASN A 476 0.17 -13.82 -10.16
C ASN A 476 0.21 -12.80 -9.05
N SER A 477 -0.97 -12.52 -8.49
CA SER A 477 -1.19 -11.60 -7.38
C SER A 477 -0.55 -10.24 -7.59
N PRO A 478 -0.96 -9.53 -8.66
CA PRO A 478 -0.52 -8.14 -8.82
C PRO A 478 -1.01 -7.35 -7.62
N ASP A 479 -0.14 -6.50 -7.09
CA ASP A 479 -0.44 -5.74 -5.87
C ASP A 479 -0.13 -4.25 -6.11
N GLY A 480 1.14 -3.91 -6.25
CA GLY A 480 1.55 -2.54 -6.50
C GLY A 480 1.38 -2.11 -7.93
N LEU A 481 1.20 -0.80 -8.13
CA LEU A 481 1.07 -0.17 -9.41
C LEU A 481 1.67 1.21 -9.34
N GLY A 482 2.23 1.66 -10.45
CA GLY A 482 2.76 3.00 -10.58
C GLY A 482 2.82 3.40 -12.04
N PHE A 483 2.57 4.69 -12.32
CA PHE A 483 2.74 5.26 -13.66
C PHE A 483 3.98 6.11 -13.65
N ASP A 484 4.63 6.19 -14.82
CA ASP A 484 5.74 7.10 -15.05
C ASP A 484 5.13 8.21 -15.91
N LYS A 485 5.89 9.25 -16.20
CA LYS A 485 5.38 10.41 -16.93
C LYS A 485 4.99 10.08 -18.34
N ALA A 486 5.64 9.06 -18.96
CA ALA A 486 5.36 8.64 -20.32
C ALA A 486 4.05 7.86 -20.48
N GLY A 487 3.45 7.42 -19.37
CA GLY A 487 2.22 6.65 -19.40
C GLY A 487 2.43 5.15 -19.39
N ARG A 488 3.64 4.64 -19.01
CA ARG A 488 3.83 3.19 -18.90
C ARG A 488 3.24 2.76 -17.55
N LEU A 489 2.56 1.61 -17.47
CA LEU A 489 1.98 1.09 -16.20
C LEU A 489 2.88 -0.01 -15.66
N TRP A 490 3.43 0.22 -14.48
CA TRP A 490 4.37 -0.68 -13.85
C TRP A 490 3.58 -1.51 -12.87
N ILE A 491 3.61 -2.84 -13.01
CA ILE A 491 2.84 -3.79 -12.18
C ILE A 491 3.83 -4.50 -11.28
N LEU A 492 3.62 -4.45 -9.95
CA LEU A 492 4.48 -5.09 -8.96
C LEU A 492 3.71 -6.28 -8.34
N THR A 493 4.35 -7.46 -8.16
CA THR A 493 3.62 -8.65 -7.66
C THR A 493 3.97 -9.05 -6.25
N ASP A 494 2.99 -9.64 -5.58
CA ASP A 494 3.10 -10.16 -4.23
C ASP A 494 2.29 -11.44 -4.19
N GLY A 495 2.82 -12.45 -4.85
CA GLY A 495 2.16 -13.72 -5.02
C GLY A 495 2.85 -14.95 -4.51
N ASP A 496 2.41 -16.08 -5.02
CA ASP A 496 2.95 -17.37 -4.67
C ASP A 496 4.24 -17.57 -5.51
N SER A 497 5.35 -17.71 -4.82
CA SER A 497 6.69 -17.87 -5.42
CA SER A 497 6.68 -17.87 -5.39
C SER A 497 7.16 -19.33 -5.36
N SER A 498 6.23 -20.29 -5.20
CA SER A 498 6.55 -21.72 -5.19
C SER A 498 7.12 -22.22 -6.52
N ASN A 499 6.74 -21.56 -7.65
CA ASN A 499 7.12 -21.96 -9.02
C ASN A 499 6.61 -23.41 -9.30
N ALA A 500 5.47 -23.78 -8.69
CA ALA A 500 4.92 -25.12 -8.87
C ALA A 500 3.40 -25.07 -8.82
N GLY A 501 2.81 -26.19 -9.19
CA GLY A 501 1.36 -26.36 -9.27
C GLY A 501 0.74 -25.32 -10.18
N ASP A 502 -0.14 -24.51 -9.60
CA ASP A 502 -0.83 -23.44 -10.31
C ASP A 502 0.15 -22.36 -10.76
N PHE A 503 1.31 -22.25 -10.08
CA PHE A 503 2.30 -21.23 -10.36
C PHE A 503 3.55 -21.74 -11.07
N ALA A 504 3.49 -22.94 -11.69
CA ALA A 504 4.65 -23.49 -12.44
C ALA A 504 5.06 -22.58 -13.58
N GLY A 505 6.35 -22.19 -13.56
CA GLY A 505 6.97 -21.33 -14.55
C GLY A 505 6.95 -19.86 -14.20
N MET A 506 6.29 -19.50 -13.06
CA MET A 506 6.18 -18.08 -12.66
C MET A 506 7.36 -17.55 -11.86
N GLY A 507 8.10 -18.43 -11.17
CA GLY A 507 9.28 -18.08 -10.39
C GLY A 507 9.00 -17.10 -9.27
N ASN A 508 10.02 -16.31 -8.90
CA ASN A 508 9.96 -15.31 -7.83
C ASN A 508 9.09 -14.11 -8.19
N ASN A 509 8.79 -13.26 -7.19
CA ASN A 509 7.95 -12.05 -7.44
C ASN A 509 8.67 -11.09 -8.35
N GLN A 510 7.92 -10.31 -9.11
CA GLN A 510 8.44 -9.55 -10.22
C GLN A 510 7.81 -8.21 -10.41
N MET A 511 8.33 -7.45 -11.37
CA MET A 511 7.75 -6.18 -11.76
C MET A 511 7.65 -6.34 -13.27
N LEU A 512 6.51 -5.91 -13.82
CA LEU A 512 6.24 -5.95 -15.26
C LEU A 512 5.86 -4.57 -15.73
N CYS A 513 5.86 -4.34 -17.04
CA CYS A 513 5.50 -3.04 -17.60
C CYS A 513 4.43 -3.22 -18.64
N ALA A 514 3.34 -2.42 -18.59
CA ALA A 514 2.24 -2.55 -19.54
C ALA A 514 1.93 -1.29 -20.35
N ASP A 515 1.35 -1.50 -21.53
CA ASP A 515 0.92 -0.38 -22.36
C ASP A 515 -0.61 -0.29 -22.20
N PRO A 516 -1.15 0.76 -21.56
CA PRO A 516 -2.61 0.85 -21.37
C PRO A 516 -3.49 0.82 -22.61
N ALA A 517 -3.04 1.45 -23.69
CA ALA A 517 -3.78 1.46 -24.96
C ALA A 517 -3.80 0.12 -25.68
N THR A 518 -2.73 -0.70 -25.57
CA THR A 518 -2.68 -1.98 -26.28
C THR A 518 -3.00 -3.19 -25.41
N GLY A 519 -2.74 -3.09 -24.12
CA GLY A 519 -2.90 -4.21 -23.21
C GLY A 519 -1.67 -5.09 -23.14
N GLU A 520 -0.61 -4.81 -23.94
CA GLU A 520 0.61 -5.61 -23.94
C GLU A 520 1.33 -5.50 -22.59
N ILE A 521 1.81 -6.63 -22.01
CA ILE A 521 2.58 -6.61 -20.76
C ILE A 521 3.94 -7.31 -20.96
N ARG A 522 5.00 -6.78 -20.34
CA ARG A 522 6.36 -7.39 -20.43
C ARG A 522 7.01 -7.47 -19.06
N ARG A 523 7.61 -8.64 -18.74
CA ARG A 523 8.36 -8.84 -17.50
C ARG A 523 9.63 -8.01 -17.57
N PHE A 524 9.82 -7.10 -16.61
CA PHE A 524 10.96 -6.20 -16.52
C PHE A 524 11.97 -6.66 -15.49
N MET A 525 11.51 -6.99 -14.29
CA MET A 525 12.39 -7.41 -13.17
C MET A 525 11.86 -8.63 -12.41
N VAL A 526 12.79 -9.41 -11.85
CA VAL A 526 12.50 -10.50 -10.93
C VAL A 526 13.29 -10.18 -9.62
N GLY A 527 12.63 -10.36 -8.49
CA GLY A 527 13.21 -10.08 -7.17
C GLY A 527 13.82 -11.32 -6.56
N PRO A 528 14.53 -11.17 -5.42
CA PRO A 528 15.17 -12.31 -4.75
C PRO A 528 14.21 -13.26 -4.00
N ILE A 529 14.78 -14.30 -3.33
CA ILE A 529 14.02 -15.36 -2.68
C ILE A 529 13.21 -14.90 -1.48
N GLY A 530 11.91 -15.23 -1.50
CA GLY A 530 11.02 -14.98 -0.37
C GLY A 530 10.53 -13.57 -0.23
N CYS A 531 10.90 -12.66 -1.14
CA CYS A 531 10.50 -11.26 -1.07
C CYS A 531 9.18 -11.08 -1.79
N GLU A 532 8.71 -9.84 -1.74
CA GLU A 532 7.67 -9.32 -2.59
C GLU A 532 8.22 -7.99 -3.11
N VAL A 533 7.72 -7.55 -4.25
CA VAL A 533 8.15 -6.35 -4.90
C VAL A 533 7.07 -5.32 -4.63
N THR A 534 7.44 -4.26 -3.93
CA THR A 534 6.48 -3.23 -3.56
C THR A 534 7.15 -1.90 -3.42
N GLY A 535 6.38 -0.84 -3.56
CA GLY A 535 6.97 0.48 -3.50
C GLY A 535 7.55 0.87 -4.85
N ILE A 536 7.22 2.05 -5.32
CA ILE A 536 7.70 2.55 -6.60
C ILE A 536 7.65 4.07 -6.62
N SER A 537 8.78 4.67 -7.06
CA SER A 537 8.94 6.10 -7.27
C SER A 537 9.95 6.30 -8.39
N PHE A 538 9.90 7.46 -9.05
CA PHE A 538 10.82 7.85 -10.08
C PHE A 538 11.47 9.17 -9.73
N SER A 539 12.73 9.36 -10.16
CA SER A 539 13.37 10.66 -10.00
C SER A 539 12.60 11.55 -10.96
N PRO A 540 12.59 12.86 -10.78
CA PRO A 540 11.84 13.71 -11.71
C PRO A 540 12.23 13.49 -13.16
N ASP A 541 13.51 13.22 -13.44
CA ASP A 541 13.95 12.99 -14.81
C ASP A 541 13.60 11.64 -15.42
N GLN A 542 12.97 10.71 -14.66
CA GLN A 542 12.57 9.39 -15.14
C GLN A 542 13.77 8.45 -15.47
N LYS A 543 15.00 8.82 -15.08
CA LYS A 543 16.22 8.02 -15.33
C LYS A 543 16.56 7.06 -14.18
N THR A 544 15.90 7.21 -13.02
CA THR A 544 16.07 6.29 -11.90
C THR A 544 14.68 5.81 -11.45
N LEU A 545 14.51 4.51 -11.35
CA LEU A 545 13.26 3.90 -10.87
C LEU A 545 13.62 3.31 -9.52
N PHE A 546 12.97 3.80 -8.45
CA PHE A 546 13.18 3.27 -7.10
C PHE A 546 12.11 2.23 -6.83
N VAL A 547 12.50 1.02 -6.41
CA VAL A 547 11.55 -0.06 -6.10
C VAL A 547 11.96 -0.72 -4.78
N GLY A 548 10.98 -1.11 -3.98
CA GLY A 548 11.25 -1.76 -2.72
C GLY A 548 11.24 -3.27 -2.84
N ILE A 549 12.14 -3.93 -2.10
CA ILE A 549 12.25 -5.38 -1.95
C ILE A 549 11.90 -5.66 -0.49
N GLN A 550 10.70 -6.19 -0.25
CA GLN A 550 10.20 -6.40 1.09
C GLN A 550 10.31 -7.84 1.51
N HIS A 551 10.71 -8.05 2.77
CA HIS A 551 10.89 -9.33 3.48
C HIS A 551 11.65 -10.41 2.70
N PRO A 552 12.82 -10.03 2.18
CA PRO A 552 13.66 -11.04 1.51
C PRO A 552 13.96 -12.15 2.51
N GLY A 553 13.76 -13.39 2.11
CA GLY A 553 14.01 -14.55 2.95
C GLY A 553 13.01 -14.72 4.07
N GLU A 554 11.71 -14.36 3.86
CA GLU A 554 10.67 -14.52 4.91
C GLU A 554 10.61 -15.97 5.44
N ASN A 555 10.91 -16.96 4.57
CA ASN A 555 10.98 -18.38 4.92
C ASN A 555 12.42 -18.92 4.89
N GLY A 556 13.37 -18.07 5.27
CA GLY A 556 14.78 -18.43 5.42
C GLY A 556 15.69 -18.75 4.25
N GLY A 557 15.33 -18.40 3.03
CA GLY A 557 16.19 -18.75 1.90
C GLY A 557 16.98 -17.64 1.23
N SER A 558 17.22 -16.53 1.94
CA SER A 558 17.90 -15.34 1.40
C SER A 558 18.98 -14.74 2.30
N THR A 559 20.04 -14.17 1.69
CA THR A 559 21.08 -13.33 2.32
C THR A 559 21.11 -11.95 1.54
N PHE A 560 20.04 -11.65 0.79
CA PHE A 560 19.96 -10.42 -0.01
C PHE A 560 19.85 -9.19 0.87
N PRO A 561 20.49 -8.03 0.51
CA PRO A 561 21.33 -7.75 -0.65
C PRO A 561 22.83 -7.95 -0.49
N GLU A 562 23.31 -8.01 0.77
CA GLU A 562 24.75 -8.05 1.06
C GLU A 562 25.43 -9.37 0.77
N HIS A 563 24.69 -10.48 0.90
CA HIS A 563 25.18 -11.82 0.70
C HIS A 563 26.46 -12.11 1.50
N LEU A 564 26.46 -11.70 2.78
CA LEU A 564 27.57 -11.94 3.70
C LEU A 564 27.47 -13.39 4.12
N PRO A 565 28.58 -14.07 4.50
CA PRO A 565 28.42 -15.46 4.96
C PRO A 565 27.49 -15.55 6.16
N ASN A 566 26.52 -16.46 6.08
CA ASN A 566 25.51 -16.63 7.12
C ASN A 566 24.80 -15.30 7.39
N GLY A 567 24.56 -14.57 6.31
CA GLY A 567 24.01 -13.22 6.36
C GLY A 567 22.52 -13.16 6.63
N LYS A 568 22.11 -12.01 7.16
CA LYS A 568 20.74 -11.72 7.51
C LYS A 568 20.20 -10.94 6.33
N PRO A 569 19.10 -11.38 5.70
CA PRO A 569 18.55 -10.61 4.58
C PRO A 569 17.86 -9.34 5.10
N ARG A 570 17.92 -8.24 4.33
CA ARG A 570 17.35 -6.97 4.78
C ARG A 570 16.49 -6.31 3.69
N SER A 571 15.25 -5.98 4.07
CA SER A 571 14.35 -5.27 3.21
C SER A 571 15.09 -4.03 2.76
N SER A 572 15.15 -3.79 1.45
CA SER A 572 15.86 -2.67 0.91
C SER A 572 15.06 -1.90 -0.11
N VAL A 573 15.46 -0.67 -0.38
CA VAL A 573 14.93 0.16 -1.44
C VAL A 573 16.01 0.13 -2.51
N MET A 574 15.65 -0.21 -3.76
CA MET A 574 16.63 -0.32 -4.85
C MET A 574 16.51 0.86 -5.82
N ALA A 575 17.65 1.28 -6.41
CA ALA A 575 17.73 2.32 -7.44
C ALA A 575 18.05 1.59 -8.76
N ILE A 576 17.09 1.51 -9.68
CA ILE A 576 17.24 0.86 -11.00
C ILE A 576 17.56 1.92 -12.03
N THR A 577 18.65 1.72 -12.80
CA THR A 577 19.09 2.67 -13.82
C THR A 577 19.60 1.93 -15.06
N ARG A 578 19.76 2.67 -16.13
CA ARG A 578 20.31 2.16 -17.37
C ARG A 578 21.78 2.55 -17.41
N GLU A 579 22.64 1.65 -17.90
CA GLU A 579 24.08 1.92 -18.06
CA GLU A 579 24.07 1.95 -18.01
C GLU A 579 24.30 3.11 -18.98
N ASP A 580 23.44 3.27 -20.00
CA ASP A 580 23.52 4.34 -20.99
C ASP A 580 23.00 5.70 -20.51
N GLY A 581 22.36 5.72 -19.34
CA GLY A 581 21.82 6.92 -18.70
C GLY A 581 20.45 7.35 -19.18
N GLY A 582 19.75 6.47 -19.92
CA GLY A 582 18.45 6.81 -20.48
C GLY A 582 17.28 6.63 -19.53
N ILE A 583 16.06 6.98 -20.01
CA ILE A 583 14.81 6.88 -19.25
C ILE A 583 14.43 5.38 -19.08
N VAL A 584 14.10 4.99 -17.85
CA VAL A 584 13.76 3.60 -17.50
C VAL A 584 12.48 3.14 -18.23
N GLY A 585 12.54 1.98 -18.91
CA GLY A 585 11.41 1.48 -19.69
C GLY A 585 11.37 1.92 -21.14
N ALA A 586 12.02 3.04 -21.46
CA ALA A 586 12.06 3.62 -22.80
C ALA A 586 13.03 2.90 -23.73
N HIS A 587 12.91 3.20 -25.02
CA HIS A 587 13.73 2.59 -26.06
C HIS A 587 15.19 3.04 -25.96
N HIS A 588 16.10 2.15 -26.35
CA HIS A 588 17.56 2.39 -26.35
C HIS A 588 18.02 2.91 -27.71
C1 EDO B . -16.78 15.63 6.23
O1 EDO B . -17.25 16.87 5.76
C2 EDO B . -17.91 14.62 6.41
O2 EDO B . -17.26 13.39 6.59
C1 EDO C . -17.87 -26.96 -4.81
O1 EDO C . -19.07 -26.36 -5.25
C2 EDO C . -17.44 -26.40 -3.42
O2 EDO C . -16.80 -25.14 -3.58
PG ACP D . -0.55 -7.58 2.12
O1G ACP D . 0.28 -7.64 0.87
O2G ACP D . 0.08 -6.65 3.18
O3G ACP D . -2.00 -7.14 1.82
PB ACP D . -0.53 -10.37 1.73
O1B ACP D . -1.16 -10.12 0.36
O2B ACP D . 0.88 -11.05 1.79
C3B ACP D . -0.71 -9.12 2.84
PA ACP D . -1.24 -12.85 3.16
O1A ACP D . -0.59 -12.48 4.43
O2A ACP D . -0.75 -14.07 2.41
O3A ACP D . -1.42 -11.64 2.10
O5' ACP D . -2.82 -13.35 3.37
C5' ACP D . -3.87 -13.27 2.38
C4' ACP D . -4.99 -12.38 2.86
O4' ACP D . -5.66 -13.01 3.98
C3' ACP D . -4.64 -10.97 3.33
O3' ACP D . -5.72 -10.08 3.05
C2' ACP D . -4.47 -11.14 4.83
O2' ACP D . -4.73 -9.93 5.53
C1' ACP D . -5.55 -12.20 5.13
N9 ACP D . -5.26 -13.08 6.26
C8 ACP D . -4.04 -13.58 6.63
N7 ACP D . -4.08 -14.39 7.67
C5 ACP D . -5.44 -14.42 7.99
C6 ACP D . -6.15 -15.09 9.01
N6 ACP D . -5.57 -15.79 9.99
N1 ACP D . -7.48 -14.92 9.06
C2 ACP D . -8.06 -14.11 8.17
N3 ACP D . -7.49 -13.41 7.17
C4 ACP D . -6.17 -13.62 7.13
HOG2 ACP D . -0.41 -6.52 4.03
HOB2 ACP D . 1.05 -11.93 1.35
H3B1 ACP D . 0.01 -9.27 3.64
H3B2 ACP D . -1.64 -9.20 3.40
HOA2 ACP D . -1.00 -14.41 1.51
H5'1 ACP D . -3.46 -12.95 1.41
H5'2 ACP D . -4.27 -14.26 2.18
H4' ACP D . -5.77 -12.38 2.10
H3' ACP D . -3.73 -10.58 2.87
HO3' ACP D . -5.57 -9.25 3.56
H2' ACP D . -3.46 -11.46 5.05
HO2' ACP D . -4.04 -9.84 6.24
H1' ACP D . -6.50 -11.71 5.32
H8 ACP D . -3.10 -13.36 6.14
HN61 ACP D . -6.13 -16.24 10.70
HN62 ACP D . -4.55 -15.87 10.02
H2 ACP D . -9.13 -13.98 8.29
CA CA E . 0.40 -4.65 -0.84
CA CA F . -0.49 -8.28 -1.24
CA CA G . 2.38 -8.88 1.15
FE1 FEO H . 0.06 -4.33 2.71
FE2 FEO H . -2.57 -5.32 0.86
O FEO H . -0.72 -4.86 1.03
#